data_8OWY
#
_entry.id   8OWY
#
_cell.length_a   81.971
_cell.length_b   138.129
_cell.length_c   39.660
_cell.angle_alpha   90.00
_cell.angle_beta   115.26
_cell.angle_gamma   90.00
#
_symmetry.space_group_name_H-M   'C 1 2 1'
#
loop_
_entity.id
_entity.type
_entity.pdbx_description
1 polymer 'tRNA N(3)-methylcytidine methyltransferase METTL6'
2 non-polymer S-ADENOSYL-L-HOMOCYSTEINE
#
_entity_poly.entity_id   1
_entity_poly.type   'polypeptide(L)'
_entity_poly.pdbx_seq_one_letter_code
;GPDSMEAQKNWDLFYKRNSTNFFKDRHWTTREFEELRSCREFEDQKLTMLEAGCGVGNCLFPLLEEDPNIFAYACDFSPR
AIEYVKQNPLYDTERCKVFQCDLTKDDLLDHVPPESVDVVMLIFVLSAVHPDKMHLVLQNIYKVLKPGKSVLFRDYGLYD
HAMLRFKASSKLGENFYVRQDGTRSYFFTDDFLAQLFMDTGYEEVVNEYVFRETVNKKEGLCVPRVFLQSKFLKP
;
_entity_poly.pdbx_strand_id   A,B
#
loop_
_chem_comp.id
_chem_comp.type
_chem_comp.name
_chem_comp.formula
SAH non-polymer S-ADENOSYL-L-HOMOCYSTEINE 'C14 H20 N6 O5 S'
#
# COMPACT_ATOMS: atom_id res chain seq x y z
N ALA A 7 -12.75 -7.73 -16.85
CA ALA A 7 -11.72 -6.68 -16.92
C ALA A 7 -10.95 -6.81 -18.23
N GLN A 8 -9.92 -7.64 -18.24
CA GLN A 8 -9.09 -7.77 -19.46
C GLN A 8 -10.03 -7.94 -20.64
N LYS A 9 -11.19 -8.55 -20.41
CA LYS A 9 -12.01 -8.68 -21.64
C LYS A 9 -12.17 -7.32 -22.31
N ASN A 10 -12.54 -6.30 -21.54
CA ASN A 10 -12.82 -4.97 -22.13
C ASN A 10 -11.60 -4.41 -22.82
N TRP A 11 -10.44 -4.56 -22.17
CA TRP A 11 -9.18 -4.01 -22.73
C TRP A 11 -8.77 -4.76 -23.99
N ASP A 12 -9.22 -6.00 -24.16
CA ASP A 12 -8.82 -6.80 -25.34
C ASP A 12 -9.75 -6.44 -26.50
N LEU A 13 -11.00 -6.13 -26.21
CA LEU A 13 -11.99 -5.73 -27.25
C LEU A 13 -11.51 -4.43 -27.90
N PHE A 14 -10.92 -3.52 -27.12
CA PHE A 14 -10.49 -2.20 -27.65
C PHE A 14 -9.50 -2.45 -28.78
N TYR A 15 -8.64 -3.45 -28.64
CA TYR A 15 -7.59 -3.64 -29.66
C TYR A 15 -8.23 -4.40 -30.84
N LYS A 16 -8.99 -3.67 -31.66
CA LYS A 16 -9.63 -4.27 -32.86
C LYS A 16 -10.01 -3.14 -33.82
N ARG A 26 -4.41 9.14 -24.31
CA ARG A 26 -3.49 8.23 -23.57
C ARG A 26 -2.21 8.06 -24.39
N HIS A 27 -1.32 9.05 -24.35
CA HIS A 27 -0.04 9.00 -25.10
C HIS A 27 1.03 9.76 -24.31
N TRP A 28 2.30 9.49 -24.59
CA TRP A 28 3.40 10.26 -23.96
C TRP A 28 3.34 11.70 -24.48
N THR A 29 3.66 12.67 -23.62
CA THR A 29 3.56 14.09 -24.02
C THR A 29 4.78 14.84 -23.51
N THR A 30 5.91 14.73 -24.23
CA THR A 30 7.20 15.34 -23.80
C THR A 30 7.57 14.77 -22.44
N ARG A 31 7.00 13.62 -22.07
CA ARG A 31 7.45 12.92 -20.84
C ARG A 31 8.88 12.56 -21.20
N GLU A 32 9.10 12.19 -22.47
CA GLU A 32 10.48 11.93 -22.97
C GLU A 32 11.39 13.07 -22.56
N GLN A 45 24.43 5.59 -22.26
CA GLN A 45 23.64 5.88 -21.03
C GLN A 45 23.27 4.55 -20.39
N LYS A 46 23.12 3.50 -21.20
CA LYS A 46 22.79 2.14 -20.67
C LYS A 46 21.50 2.16 -19.85
N LEU A 47 20.50 2.92 -20.30
CA LEU A 47 19.18 2.96 -19.62
C LEU A 47 18.44 1.64 -19.85
N THR A 48 17.85 1.08 -18.80
CA THR A 48 17.03 -0.13 -18.93
C THR A 48 15.65 0.33 -18.48
N MET A 49 14.61 0.07 -19.25
CA MET A 49 13.28 0.63 -18.91
C MET A 49 12.19 -0.42 -18.95
N LEU A 50 11.16 -0.23 -18.15
CA LEU A 50 9.98 -1.12 -18.24
C LEU A 50 8.80 -0.22 -18.57
N GLU A 51 8.02 -0.57 -19.58
CA GLU A 51 6.78 0.20 -19.83
C GLU A 51 5.58 -0.70 -19.50
N ALA A 52 5.00 -0.54 -18.31
CA ALA A 52 3.83 -1.34 -17.93
C ALA A 52 2.66 -0.84 -18.78
N GLY A 53 1.69 -1.69 -19.09
CA GLY A 53 0.64 -1.23 -20.00
C GLY A 53 1.28 -0.56 -21.18
N CYS A 54 2.14 -1.27 -21.90
CA CYS A 54 2.86 -0.70 -23.05
C CYS A 54 1.85 -0.28 -24.13
N GLY A 55 0.84 -1.11 -24.34
CA GLY A 55 -0.09 -0.84 -25.45
C GLY A 55 0.53 -1.44 -26.70
N VAL A 56 0.32 -0.80 -27.84
CA VAL A 56 0.98 -1.26 -29.10
C VAL A 56 2.38 -0.62 -29.17
N GLY A 57 2.81 0.01 -28.09
CA GLY A 57 4.13 0.69 -28.05
C GLY A 57 4.31 1.80 -29.07
N ASN A 58 3.28 2.60 -29.31
CA ASN A 58 3.39 3.62 -30.38
C ASN A 58 4.46 4.68 -30.07
N CYS A 59 4.46 5.27 -28.87
CA CYS A 59 5.55 6.21 -28.46
C CYS A 59 6.89 5.51 -28.15
N LEU A 60 6.86 4.34 -27.49
CA LEU A 60 8.11 3.67 -27.05
C LEU A 60 9.00 3.20 -28.21
N PHE A 61 8.43 2.59 -29.22
CA PHE A 61 9.30 2.00 -30.28
C PHE A 61 10.09 3.09 -31.00
N PRO A 62 9.50 4.25 -31.36
CA PRO A 62 10.27 5.33 -31.92
C PRO A 62 11.44 5.69 -30.99
N LEU A 63 11.18 5.85 -29.69
CA LEU A 63 12.25 6.27 -28.76
C LEU A 63 13.39 5.27 -28.86
N LEU A 64 13.05 3.99 -28.91
CA LEU A 64 14.08 2.92 -28.90
C LEU A 64 14.93 3.03 -30.17
N GLU A 65 14.34 3.32 -31.31
CA GLU A 65 15.18 3.53 -32.52
C GLU A 65 16.10 4.74 -32.37
N GLU A 66 15.60 5.84 -31.81
CA GLU A 66 16.43 7.07 -31.71
C GLU A 66 17.65 6.84 -30.81
N ASP A 67 17.50 6.14 -29.69
CA ASP A 67 18.70 5.81 -28.87
C ASP A 67 18.83 4.28 -28.82
N PRO A 68 19.99 3.70 -29.19
CA PRO A 68 20.13 2.25 -29.24
C PRO A 68 20.54 1.67 -27.90
N ASN A 69 21.00 2.53 -27.00
CA ASN A 69 21.33 2.12 -25.62
C ASN A 69 20.13 1.57 -24.84
N ILE A 70 18.94 2.14 -25.08
CA ILE A 70 17.77 1.79 -24.24
C ILE A 70 17.24 0.36 -24.46
N PHE A 71 17.18 -0.42 -23.38
CA PHE A 71 16.57 -1.76 -23.46
C PHE A 71 15.30 -1.65 -22.65
N ALA A 72 14.22 -2.17 -23.19
CA ALA A 72 12.90 -2.02 -22.58
C ALA A 72 12.31 -3.38 -22.28
N TYR A 73 11.60 -3.46 -21.13
CA TYR A 73 10.76 -4.64 -20.90
C TYR A 73 9.33 -4.11 -20.95
N ALA A 74 8.63 -4.34 -22.07
CA ALA A 74 7.23 -3.89 -22.21
C ALA A 74 6.25 -5.00 -21.81
N CYS A 75 5.34 -4.73 -20.85
CA CYS A 75 4.33 -5.73 -20.41
C CYS A 75 2.91 -5.18 -20.60
N ASP A 76 1.98 -6.02 -21.09
CA ASP A 76 0.58 -5.56 -21.27
C ASP A 76 -0.44 -6.62 -20.82
N PHE A 77 -1.57 -6.17 -20.29
CA PHE A 77 -2.67 -7.05 -19.80
C PHE A 77 -3.27 -7.83 -20.95
N SER A 78 -3.46 -7.18 -22.10
CA SER A 78 -4.17 -7.83 -23.23
C SER A 78 -3.19 -8.48 -24.19
N PRO A 79 -3.37 -9.77 -24.54
CA PRO A 79 -2.52 -10.41 -25.54
C PRO A 79 -2.74 -9.83 -26.95
N ARG A 80 -3.99 -9.56 -27.33
CA ARG A 80 -4.21 -8.92 -28.64
C ARG A 80 -3.30 -7.69 -28.76
N ALA A 81 -2.99 -7.03 -27.65
CA ALA A 81 -2.05 -5.90 -27.78
C ALA A 81 -0.63 -6.43 -28.03
N ILE A 82 -0.21 -7.49 -27.34
CA ILE A 82 1.22 -7.97 -27.46
C ILE A 82 1.52 -8.43 -28.89
N GLU A 83 0.54 -9.00 -29.60
CA GLU A 83 0.77 -9.41 -31.01
C GLU A 83 0.95 -8.17 -31.89
N TYR A 84 0.15 -7.13 -31.64
CA TYR A 84 0.26 -5.87 -32.43
C TYR A 84 1.66 -5.29 -32.18
N VAL A 85 2.13 -5.40 -30.94
CA VAL A 85 3.47 -4.87 -30.59
C VAL A 85 4.54 -5.59 -31.41
N LYS A 86 4.44 -6.91 -31.51
CA LYS A 86 5.41 -7.72 -32.30
C LYS A 86 5.30 -7.36 -33.79
N GLN A 87 4.07 -7.14 -34.28
CA GLN A 87 3.83 -6.85 -35.73
C GLN A 87 4.51 -5.54 -36.15
N ASN A 88 4.56 -4.52 -35.30
CA ASN A 88 5.08 -3.20 -35.77
C ASN A 88 6.49 -3.37 -36.30
N PRO A 89 6.83 -2.73 -37.45
CA PRO A 89 8.14 -2.89 -38.06
C PRO A 89 9.27 -2.48 -37.12
N LEU A 90 9.01 -1.45 -36.33
CA LEU A 90 10.03 -0.90 -35.41
C LEU A 90 10.47 -2.03 -34.47
N TYR A 91 9.57 -3.01 -34.18
CA TYR A 91 9.89 -3.99 -33.12
C TYR A 91 11.20 -4.70 -33.43
N ASP A 92 12.17 -4.62 -32.51
CA ASP A 92 13.42 -5.40 -32.65
C ASP A 92 13.56 -6.19 -31.36
N THR A 93 13.95 -7.45 -31.44
CA THR A 93 13.95 -8.30 -30.22
C THR A 93 15.18 -8.05 -29.36
N GLU A 94 16.18 -7.36 -29.88
CA GLU A 94 17.43 -7.25 -29.08
C GLU A 94 17.54 -5.83 -28.53
N ARG A 95 16.49 -5.04 -28.63
CA ARG A 95 16.49 -3.71 -28.00
C ARG A 95 15.28 -3.65 -27.08
N CYS A 96 14.36 -4.59 -27.23
CA CYS A 96 13.10 -4.57 -26.44
C CYS A 96 12.62 -6.00 -26.20
N LYS A 97 12.22 -6.30 -24.98
CA LYS A 97 11.59 -7.62 -24.67
C LYS A 97 10.13 -7.38 -24.31
N VAL A 98 9.21 -8.11 -24.94
CA VAL A 98 7.75 -7.87 -24.72
C VAL A 98 7.11 -9.13 -24.13
N PHE A 99 6.33 -8.98 -23.07
CA PHE A 99 5.71 -10.16 -22.40
C PHE A 99 4.32 -9.80 -21.87
N GLN A 100 3.37 -10.74 -21.92
CA GLN A 100 2.05 -10.47 -21.29
C GLN A 100 2.08 -10.65 -19.77
N CYS A 101 1.53 -9.70 -19.02
CA CYS A 101 1.50 -9.79 -17.55
C CYS A 101 0.36 -8.95 -16.98
N ASP A 102 -0.33 -9.46 -15.96
CA ASP A 102 -1.33 -8.64 -15.24
C ASP A 102 -0.60 -8.23 -13.97
N LEU A 103 -0.28 -6.96 -13.81
CA LEU A 103 0.56 -6.51 -12.67
C LEU A 103 -0.19 -6.80 -11.37
N THR A 104 -1.50 -6.65 -11.39
CA THR A 104 -2.33 -6.93 -10.20
C THR A 104 -2.05 -8.33 -9.65
N LYS A 105 -1.89 -9.34 -10.52
CA LYS A 105 -1.75 -10.70 -9.93
C LYS A 105 -0.50 -11.39 -10.45
N ASP A 106 -0.19 -11.23 -11.75
CA ASP A 106 1.00 -11.89 -12.37
C ASP A 106 2.28 -11.25 -11.81
N ASP A 107 3.38 -12.01 -11.75
CA ASP A 107 4.59 -11.47 -11.10
C ASP A 107 5.62 -10.98 -12.12
N LEU A 108 6.04 -9.71 -12.00
CA LEU A 108 7.03 -9.05 -12.89
C LEU A 108 8.40 -9.73 -12.77
N LEU A 109 8.77 -10.19 -11.58
CA LEU A 109 10.14 -10.72 -11.31
C LEU A 109 10.39 -11.91 -12.24
N ASP A 110 9.37 -12.70 -12.53
CA ASP A 110 9.58 -13.92 -13.35
C ASP A 110 10.15 -13.51 -14.72
N HIS A 111 9.71 -12.40 -15.31
CA HIS A 111 10.33 -11.98 -16.59
C HIS A 111 11.35 -10.84 -16.43
N VAL A 112 11.39 -10.17 -15.29
CA VAL A 112 12.30 -9.00 -15.15
C VAL A 112 13.25 -9.26 -14.01
N PRO A 113 14.57 -9.13 -14.23
CA PRO A 113 15.55 -9.43 -13.20
C PRO A 113 15.45 -8.44 -12.02
N PRO A 114 15.68 -8.88 -10.77
CA PRO A 114 15.47 -8.01 -9.61
C PRO A 114 16.41 -6.80 -9.51
N GLU A 115 15.87 -5.63 -9.20
CA GLU A 115 16.66 -4.39 -9.02
C GLU A 115 17.47 -4.14 -10.29
N SER A 116 16.89 -4.46 -11.44
CA SER A 116 17.60 -4.31 -12.75
C SER A 116 17.08 -3.18 -13.62
N VAL A 117 16.10 -2.37 -13.19
CA VAL A 117 15.53 -1.37 -14.14
C VAL A 117 15.79 0.07 -13.67
N ASP A 118 16.32 0.90 -14.58
CA ASP A 118 16.68 2.30 -14.26
C ASP A 118 15.46 3.21 -14.44
N VAL A 119 14.51 2.80 -15.28
CA VAL A 119 13.26 3.64 -15.38
C VAL A 119 12.02 2.75 -15.48
N VAL A 120 10.97 3.06 -14.72
CA VAL A 120 9.68 2.34 -14.91
C VAL A 120 8.65 3.43 -15.24
N MET A 121 7.83 3.25 -16.28
CA MET A 121 6.91 4.33 -16.69
C MET A 121 5.46 3.85 -16.56
N LEU A 122 4.71 4.41 -15.60
CA LEU A 122 3.29 4.06 -15.43
C LEU A 122 2.62 5.26 -16.10
N ILE A 123 2.27 5.12 -17.37
CA ILE A 123 1.62 6.23 -18.11
C ILE A 123 0.22 5.81 -18.55
N PHE A 124 -0.82 6.46 -18.01
CA PHE A 124 -2.24 6.16 -18.36
C PHE A 124 -2.55 4.69 -18.12
N VAL A 125 -2.03 4.14 -17.02
CA VAL A 125 -2.22 2.69 -16.75
C VAL A 125 -2.74 2.47 -15.32
N LEU A 126 -2.37 3.32 -14.36
CA LEU A 126 -2.87 2.98 -13.01
C LEU A 126 -4.39 3.20 -12.99
N SER A 127 -4.89 4.08 -13.86
CA SER A 127 -6.35 4.40 -13.87
C SER A 127 -7.16 3.15 -14.20
N ALA A 128 -6.66 2.35 -15.14
CA ALA A 128 -7.40 1.16 -15.59
C ALA A 128 -7.48 0.13 -14.48
N VAL A 129 -6.52 0.15 -13.55
CA VAL A 129 -6.49 -0.85 -12.45
C VAL A 129 -7.52 -0.43 -11.40
N HIS A 130 -8.15 -1.39 -10.72
CA HIS A 130 -9.14 -1.07 -9.65
C HIS A 130 -8.41 -0.51 -8.44
N PRO A 131 -9.05 0.35 -7.61
CA PRO A 131 -8.37 1.00 -6.48
C PRO A 131 -7.86 -0.01 -5.46
N ASP A 132 -8.66 -1.04 -5.19
CA ASP A 132 -8.26 -2.09 -4.21
C ASP A 132 -7.02 -2.83 -4.72
N LYS A 133 -6.93 -3.10 -6.02
CA LYS A 133 -5.79 -3.87 -6.59
C LYS A 133 -4.64 -2.94 -7.03
N MET A 134 -4.89 -1.64 -7.08
CA MET A 134 -3.95 -0.65 -7.63
C MET A 134 -2.60 -0.71 -6.98
N HIS A 135 -2.45 -1.31 -5.83
CA HIS A 135 -1.11 -1.28 -5.21
C HIS A 135 -0.40 -2.59 -5.44
N LEU A 136 -1.03 -3.53 -6.13
CA LEU A 136 -0.44 -4.85 -6.23
C LEU A 136 0.50 -4.58 -7.35
N VAL A 137 0.22 -3.47 -7.99
CA VAL A 137 1.14 -3.20 -9.11
C VAL A 137 2.36 -2.38 -8.65
N LEU A 138 2.10 -1.39 -7.83
CA LEU A 138 3.18 -0.50 -7.38
C LEU A 138 4.18 -1.39 -6.64
N GLN A 139 3.69 -2.36 -5.86
CA GLN A 139 4.63 -3.36 -5.27
C GLN A 139 5.33 -4.25 -6.31
N ASN A 140 4.59 -4.68 -7.34
CA ASN A 140 5.29 -5.54 -8.31
C ASN A 140 6.42 -4.70 -8.91
N ILE A 141 6.07 -3.59 -9.55
CA ILE A 141 7.09 -2.66 -10.11
C ILE A 141 8.23 -2.43 -9.10
N TYR A 142 7.93 -2.43 -7.81
CA TYR A 142 8.98 -2.08 -6.80
C TYR A 142 10.14 -3.07 -6.80
N LYS A 143 9.89 -4.37 -6.90
CA LYS A 143 11.02 -5.32 -6.78
C LYS A 143 12.03 -5.12 -7.91
N VAL A 144 11.57 -4.90 -9.14
CA VAL A 144 12.52 -4.84 -10.28
C VAL A 144 13.23 -3.48 -10.30
N LEU A 145 12.60 -2.44 -9.73
CA LEU A 145 13.18 -1.09 -9.85
C LEU A 145 14.52 -1.09 -9.09
N LYS A 146 15.55 -0.45 -9.65
CA LYS A 146 16.86 -0.34 -8.95
C LYS A 146 16.65 0.63 -7.78
N PRO A 147 17.41 0.53 -6.67
CA PRO A 147 17.11 1.36 -5.50
C PRO A 147 17.23 2.86 -5.79
N GLY A 148 18.25 3.31 -6.51
CA GLY A 148 18.37 4.72 -6.92
C GLY A 148 17.28 5.20 -7.87
N LYS A 149 16.85 4.38 -8.82
CA LYS A 149 15.95 4.79 -9.94
C LYS A 149 14.48 5.05 -9.54
N SER A 150 13.76 5.87 -10.34
CA SER A 150 12.35 6.28 -10.02
C SER A 150 11.29 5.66 -10.94
N VAL A 151 10.09 6.27 -11.02
CA VAL A 151 8.95 5.74 -11.84
C VAL A 151 8.20 6.96 -12.40
N LEU A 152 8.40 7.24 -13.69
CA LEU A 152 7.71 8.38 -14.35
C LEU A 152 6.22 8.04 -14.42
N PHE A 153 5.37 8.94 -13.95
CA PHE A 153 3.91 8.66 -13.91
C PHE A 153 3.15 9.70 -14.72
N ARG A 154 2.14 9.27 -15.46
CA ARG A 154 1.29 10.21 -16.23
C ARG A 154 -0.12 9.63 -16.24
N ASP A 155 -1.07 10.31 -15.60
CA ASP A 155 -2.44 9.75 -15.54
C ASP A 155 -3.47 10.87 -15.35
N TYR A 156 -4.75 10.58 -15.57
CA TYR A 156 -5.85 11.55 -15.36
C TYR A 156 -5.97 11.94 -13.88
N GLY A 157 -6.29 13.20 -13.58
CA GLY A 157 -6.50 13.64 -12.18
C GLY A 157 -7.92 14.14 -11.97
N LEU A 158 -8.21 14.82 -10.84
CA LEU A 158 -9.57 15.38 -10.69
C LEU A 158 -9.71 16.90 -10.63
N TYR A 159 -9.38 17.49 -9.48
CA TYR A 159 -9.60 18.94 -9.26
C TYR A 159 -8.81 19.83 -10.25
N ARG A 184 -12.78 1.43 -18.16
CA ARG A 184 -13.57 1.87 -16.97
C ARG A 184 -12.63 2.47 -15.93
N SER A 185 -11.97 3.55 -16.28
CA SER A 185 -10.94 4.17 -15.43
C SER A 185 -11.50 5.02 -14.30
N TYR A 186 -10.58 5.44 -13.46
CA TYR A 186 -10.88 6.23 -12.24
C TYR A 186 -9.95 7.45 -12.29
N PHE A 187 -10.28 8.49 -11.57
CA PHE A 187 -9.37 9.66 -11.54
C PHE A 187 -8.79 9.86 -10.15
N PHE A 188 -7.62 10.52 -10.10
CA PHE A 188 -6.85 10.65 -8.83
C PHE A 188 -6.55 12.08 -8.41
N THR A 189 -6.85 12.42 -7.16
CA THR A 189 -6.37 13.69 -6.59
C THR A 189 -4.87 13.57 -6.32
N ASP A 190 -4.19 14.70 -6.29
CA ASP A 190 -2.72 14.58 -6.17
C ASP A 190 -2.34 13.91 -4.86
N ASP A 191 -3.01 14.21 -3.77
CA ASP A 191 -2.79 13.52 -2.47
C ASP A 191 -3.17 12.05 -2.42
N PHE A 192 -4.27 11.67 -3.09
CA PHE A 192 -4.61 10.23 -3.00
C PHE A 192 -3.44 9.46 -3.62
N LEU A 193 -2.93 9.95 -4.76
CA LEU A 193 -1.84 9.27 -5.49
C LEU A 193 -0.49 9.23 -4.76
N ALA A 194 -0.09 10.33 -4.16
CA ALA A 194 1.20 10.39 -3.42
C ALA A 194 1.11 9.43 -2.24
N GLN A 195 -0.06 9.33 -1.67
CA GLN A 195 -0.23 8.34 -0.58
C GLN A 195 0.01 6.92 -1.10
N LEU A 196 -0.45 6.62 -2.32
CA LEU A 196 -0.34 5.23 -2.84
C LEU A 196 1.09 4.73 -3.03
N PHE A 197 1.97 5.57 -3.53
CA PHE A 197 3.41 5.26 -3.57
C PHE A 197 4.02 5.23 -2.18
N MET A 198 3.56 6.17 -1.33
CA MET A 198 4.01 6.13 0.07
C MET A 198 3.58 4.82 0.74
N ASP A 199 2.30 4.44 0.59
CA ASP A 199 1.81 3.16 1.17
C ASP A 199 2.62 1.97 0.62
N THR A 200 3.02 2.02 -0.65
CA THR A 200 3.78 0.91 -1.29
C THR A 200 5.30 1.09 -1.21
N GLY A 201 5.77 2.08 -0.48
CA GLY A 201 7.18 2.34 -0.12
C GLY A 201 7.97 3.33 -0.92
N TYR A 202 7.54 3.66 -2.14
CA TYR A 202 8.25 4.70 -2.94
C TYR A 202 8.22 6.07 -2.27
N GLU A 203 9.14 6.96 -2.67
CA GLU A 203 9.20 8.34 -2.12
C GLU A 203 8.99 9.34 -3.26
N GLU A 204 8.10 10.31 -3.10
CA GLU A 204 7.74 11.20 -4.22
C GLU A 204 8.75 12.29 -4.43
N VAL A 205 9.15 12.53 -5.68
CA VAL A 205 10.03 13.69 -6.00
C VAL A 205 9.13 14.79 -6.57
N VAL A 206 8.17 14.43 -7.40
CA VAL A 206 7.24 15.43 -8.03
C VAL A 206 5.81 14.85 -8.08
N ASN A 207 4.81 15.68 -7.81
CA ASN A 207 3.36 15.37 -7.93
C ASN A 207 2.78 16.68 -8.46
N GLU A 208 2.10 16.70 -9.59
CA GLU A 208 1.62 18.01 -10.08
C GLU A 208 0.48 17.81 -11.08
N TYR A 209 -0.63 18.52 -10.94
CA TYR A 209 -1.72 18.45 -11.96
C TYR A 209 -1.34 19.27 -13.19
N VAL A 210 -1.71 18.79 -14.40
CA VAL A 210 -1.50 19.65 -15.60
C VAL A 210 -2.88 19.90 -16.24
N PHE A 211 -3.23 21.17 -16.46
CA PHE A 211 -4.55 21.54 -17.05
C PHE A 211 -4.70 21.02 -18.49
N ARG A 212 -3.65 21.09 -19.29
CA ARG A 212 -3.73 20.71 -20.72
C ARG A 212 -5.19 20.86 -21.19
N ARG A 225 -11.69 17.55 -17.68
CA ARG A 225 -10.69 16.46 -17.82
C ARG A 225 -9.30 16.98 -17.43
N VAL A 226 -8.59 16.26 -16.57
CA VAL A 226 -7.29 16.75 -16.07
C VAL A 226 -6.23 15.66 -16.20
N PHE A 227 -4.98 16.09 -16.20
CA PHE A 227 -3.82 15.19 -16.21
C PHE A 227 -3.03 15.40 -14.93
N LEU A 228 -2.14 14.45 -14.63
CA LEU A 228 -1.29 14.54 -13.42
C LEU A 228 0.13 14.11 -13.81
N GLN A 229 1.13 14.96 -13.53
CA GLN A 229 2.53 14.57 -13.76
C GLN A 229 3.16 14.31 -12.41
N SER A 230 3.64 13.09 -12.18
CA SER A 230 4.18 12.71 -10.86
C SER A 230 5.43 11.86 -11.04
N LYS A 231 6.46 12.11 -10.25
CA LYS A 231 7.69 11.28 -10.31
C LYS A 231 7.97 10.76 -8.91
N PHE A 232 8.13 9.44 -8.76
CA PHE A 232 8.34 8.84 -7.42
C PHE A 232 9.66 8.06 -7.42
N LEU A 233 10.47 8.24 -6.38
CA LEU A 233 11.81 7.58 -6.37
C LEU A 233 11.82 6.47 -5.34
N LYS A 234 12.20 5.26 -5.75
CA LYS A 234 12.36 4.16 -4.76
C LYS A 234 13.54 4.53 -3.86
N PRO A 235 13.48 4.27 -2.54
CA PRO A 235 14.61 4.55 -1.65
C PRO A 235 15.77 3.58 -1.90
N SER B 4 16.09 9.66 11.80
CA SER B 4 16.17 9.79 13.28
C SER B 4 15.09 8.91 13.92
N MET B 5 15.25 7.58 14.00
CA MET B 5 14.13 6.76 14.55
C MET B 5 14.15 6.74 16.09
N GLU B 6 13.85 7.87 16.76
CA GLU B 6 13.77 7.95 18.25
C GLU B 6 12.34 8.12 18.77
N ALA B 7 11.32 7.98 17.93
CA ALA B 7 9.92 8.32 18.34
C ALA B 7 9.38 7.49 19.50
N GLN B 8 9.70 6.20 19.57
CA GLN B 8 9.10 5.27 20.56
C GLN B 8 9.42 5.71 21.99
N LYS B 9 10.61 6.21 22.23
CA LYS B 9 11.04 6.57 23.60
C LYS B 9 10.08 7.66 24.08
N ASN B 10 9.64 8.54 23.19
CA ASN B 10 8.86 9.72 23.60
C ASN B 10 7.59 9.28 24.32
N TRP B 11 7.00 8.16 23.93
CA TRP B 11 5.78 7.68 24.63
C TRP B 11 6.11 7.26 26.08
N ASP B 12 7.26 6.63 26.31
CA ASP B 12 7.55 6.15 27.68
C ASP B 12 7.58 7.36 28.60
N LEU B 13 8.41 8.34 28.25
CA LEU B 13 8.53 9.51 29.14
C LEU B 13 7.14 10.09 29.37
N PHE B 14 6.32 10.12 28.33
CA PHE B 14 4.93 10.60 28.51
C PHE B 14 4.20 9.69 29.49
N TYR B 15 4.43 8.37 29.40
CA TYR B 15 3.79 7.42 30.34
C TYR B 15 4.28 7.67 31.76
N LYS B 16 5.52 8.15 31.94
CA LYS B 16 6.01 8.51 33.29
C LYS B 16 5.14 9.60 33.98
N ARG B 26 -9.18 8.89 24.48
CA ARG B 26 -7.87 8.23 24.20
C ARG B 26 -7.92 6.80 24.70
N HIS B 27 -9.08 6.15 24.65
CA HIS B 27 -9.21 4.81 25.26
C HIS B 27 -10.40 4.06 24.64
N TRP B 28 -10.52 2.77 24.96
CA TRP B 28 -11.64 1.94 24.43
C TRP B 28 -12.96 2.56 24.90
N THR B 29 -13.99 2.44 24.07
CA THR B 29 -15.32 3.00 24.42
C THR B 29 -16.35 1.88 24.49
N THR B 30 -17.63 2.24 24.38
CA THR B 30 -18.74 1.26 24.47
C THR B 30 -18.62 0.28 23.30
N ARG B 31 -17.85 0.63 22.28
CA ARG B 31 -17.78 -0.22 21.07
C ARG B 31 -16.87 -1.39 21.40
N GLU B 32 -17.38 -2.33 22.21
CA GLU B 32 -16.60 -3.53 22.62
C GLU B 32 -17.29 -4.76 22.02
N ASP B 44 -2.77 -20.95 24.33
CA ASP B 44 -4.20 -21.35 24.21
C ASP B 44 -4.84 -20.50 23.11
N GLN B 45 -5.57 -21.15 22.20
CA GLN B 45 -6.22 -20.44 21.07
C GLN B 45 -7.74 -20.40 21.16
N LYS B 46 -8.37 -20.69 22.30
CA LYS B 46 -9.85 -20.84 22.24
C LYS B 46 -10.53 -19.56 21.78
N LEU B 47 -10.16 -18.40 22.31
CA LEU B 47 -10.61 -17.10 21.71
C LEU B 47 -9.35 -16.24 21.63
N THR B 48 -9.06 -15.61 20.49
CA THR B 48 -7.76 -14.90 20.39
C THR B 48 -7.95 -13.42 20.02
N MET B 49 -7.27 -12.53 20.74
CA MET B 49 -7.28 -11.09 20.41
C MET B 49 -5.87 -10.53 20.51
N LEU B 50 -5.53 -9.56 19.65
CA LEU B 50 -4.23 -8.86 19.74
C LEU B 50 -4.53 -7.37 19.97
N GLU B 51 -4.04 -6.80 21.07
CA GLU B 51 -4.22 -5.35 21.32
C GLU B 51 -2.91 -4.62 21.01
N ALA B 52 -2.79 -4.08 19.80
CA ALA B 52 -1.58 -3.33 19.42
C ALA B 52 -1.50 -2.05 20.25
N GLY B 53 -0.34 -1.76 20.84
CA GLY B 53 -0.14 -0.50 21.59
C GLY B 53 -1.18 -0.31 22.68
N CYS B 54 -1.55 -1.37 23.39
CA CYS B 54 -2.50 -1.20 24.51
C CYS B 54 -1.89 -0.33 25.61
N GLY B 55 -0.61 -0.50 25.90
CA GLY B 55 0.00 0.25 27.01
C GLY B 55 -0.57 -0.27 28.31
N VAL B 56 -0.95 0.63 29.21
CA VAL B 56 -1.57 0.22 30.49
C VAL B 56 -2.79 -0.59 30.09
N GLY B 57 -3.12 -1.65 30.82
CA GLY B 57 -4.21 -2.49 30.32
C GLY B 57 -5.49 -1.69 30.24
N ASN B 58 -5.75 -0.82 31.21
CA ASN B 58 -6.96 0.03 31.17
C ASN B 58 -8.17 -0.89 31.02
N CYS B 59 -8.92 -0.77 29.92
CA CYS B 59 -10.12 -1.60 29.66
C CYS B 59 -9.81 -3.08 29.45
N LEU B 60 -8.69 -3.44 28.80
CA LEU B 60 -8.45 -4.86 28.43
C LEU B 60 -8.40 -5.83 29.61
N PHE B 61 -7.68 -5.52 30.67
CA PHE B 61 -7.52 -6.49 31.79
C PHE B 61 -8.83 -6.76 32.54
N PRO B 62 -9.70 -5.76 32.82
CA PRO B 62 -10.98 -6.04 33.45
C PRO B 62 -11.81 -6.99 32.57
N LEU B 63 -11.78 -6.79 31.26
CA LEU B 63 -12.54 -7.67 30.33
C LEU B 63 -12.03 -9.10 30.46
N LEU B 64 -10.70 -9.27 30.58
CA LEU B 64 -10.11 -10.63 30.69
C LEU B 64 -10.57 -11.27 32.00
N GLU B 65 -10.91 -10.47 33.01
CA GLU B 65 -11.50 -11.02 34.26
C GLU B 65 -12.96 -11.37 34.06
N GLU B 66 -13.68 -10.53 33.33
CA GLU B 66 -15.13 -10.75 33.10
C GLU B 66 -15.32 -11.92 32.12
N ASP B 67 -14.72 -11.90 30.93
CA ASP B 67 -15.00 -13.01 29.98
C ASP B 67 -13.81 -13.96 30.10
N PRO B 68 -14.00 -15.13 30.72
CA PRO B 68 -12.91 -16.09 30.86
C PRO B 68 -12.43 -16.63 29.51
N ASN B 69 -13.37 -16.89 28.60
CA ASN B 69 -12.98 -17.60 27.37
C ASN B 69 -12.34 -16.59 26.43
N ILE B 70 -11.26 -15.93 26.89
CA ILE B 70 -10.49 -15.01 26.03
C ILE B 70 -8.99 -15.21 26.22
N PHE B 71 -8.28 -15.29 25.12
CA PHE B 71 -6.81 -15.26 25.20
C PHE B 71 -6.37 -13.98 24.49
N ALA B 72 -5.48 -13.25 25.14
CA ALA B 72 -5.04 -11.93 24.65
C ALA B 72 -3.54 -11.91 24.42
N TYR B 73 -3.14 -11.38 23.25
CA TYR B 73 -1.72 -11.09 23.00
C TYR B 73 -1.63 -9.56 22.95
N ALA B 74 -0.74 -8.98 23.73
CA ALA B 74 -0.68 -7.51 23.77
C ALA B 74 0.73 -7.02 23.43
N CYS B 75 0.85 -6.11 22.47
CA CYS B 75 2.17 -5.58 22.06
C CYS B 75 2.28 -4.07 22.25
N ASP B 76 3.39 -3.58 22.80
CA ASP B 76 3.62 -2.11 22.90
C ASP B 76 5.12 -1.90 22.91
N PHE B 77 5.59 -0.71 22.53
CA PHE B 77 7.05 -0.48 22.39
C PHE B 77 7.67 0.01 23.70
N SER B 78 6.87 0.20 24.76
CA SER B 78 7.38 0.74 26.04
C SER B 78 7.56 -0.37 27.07
N PRO B 79 8.80 -0.79 27.44
CA PRO B 79 9.01 -1.80 28.47
C PRO B 79 8.39 -1.34 29.80
N ARG B 80 8.54 -0.07 30.11
CA ARG B 80 8.01 0.46 31.38
C ARG B 80 6.51 0.15 31.38
N ALA B 81 5.83 0.44 30.28
CA ALA B 81 4.41 0.05 30.17
C ALA B 81 4.36 -1.46 30.32
N ILE B 82 5.34 -2.15 29.72
CA ILE B 82 5.39 -3.63 29.81
C ILE B 82 5.62 -4.04 31.27
N GLU B 83 6.42 -3.27 32.04
CA GLU B 83 6.44 -3.68 33.46
C GLU B 83 5.03 -3.52 34.05
N TYR B 84 4.36 -2.40 33.76
CA TYR B 84 3.02 -2.07 34.31
C TYR B 84 1.98 -3.08 33.86
N VAL B 85 2.09 -3.52 32.62
CA VAL B 85 1.12 -4.58 32.26
C VAL B 85 1.53 -5.88 32.92
N ASP B 92 -1.43 -11.52 34.93
CA ASP B 92 -2.04 -12.84 34.61
C ASP B 92 -1.41 -13.44 33.35
N THR B 93 -0.20 -13.97 33.46
CA THR B 93 0.52 -14.44 32.25
C THR B 93 -0.28 -15.54 31.53
N GLU B 94 -0.86 -16.49 32.27
CA GLU B 94 -1.56 -17.55 31.51
C GLU B 94 -2.76 -16.96 30.74
N ARG B 95 -3.52 -16.06 31.37
CA ARG B 95 -4.70 -15.46 30.70
C ARG B 95 -4.30 -14.60 29.49
N CYS B 96 -3.23 -13.81 29.64
CA CYS B 96 -2.76 -12.92 28.54
C CYS B 96 -1.23 -12.95 28.46
N LYS B 97 -0.67 -12.80 27.26
CA LYS B 97 0.81 -12.77 27.10
C LYS B 97 1.21 -11.41 26.53
N VAL B 98 2.19 -10.75 27.14
CA VAL B 98 2.58 -9.39 26.68
C VAL B 98 4.01 -9.45 26.13
N PHE B 99 4.25 -8.78 25.01
CA PHE B 99 5.60 -8.73 24.39
C PHE B 99 5.90 -7.28 24.00
N GLN B 100 7.18 -6.92 23.91
CA GLN B 100 7.53 -5.55 23.45
C GLN B 100 7.81 -5.63 21.94
N CYS B 101 7.06 -4.87 21.15
CA CYS B 101 7.24 -4.92 19.67
C CYS B 101 6.88 -3.58 19.03
N ASP B 102 7.71 -3.13 18.09
CA ASP B 102 7.35 -1.92 17.32
C ASP B 102 6.79 -2.43 15.99
N LEU B 103 5.54 -2.10 15.69
CA LEU B 103 4.88 -2.67 14.50
C LEU B 103 5.62 -2.23 13.24
N THR B 104 6.08 -0.99 13.20
CA THR B 104 6.85 -0.49 12.03
C THR B 104 7.75 -1.61 11.51
N HIS B 111 6.58 -13.21 17.44
CA HIS B 111 6.03 -13.56 18.78
C HIS B 111 4.58 -13.97 18.70
N VAL B 112 4.08 -14.28 17.49
CA VAL B 112 2.62 -14.60 17.32
C VAL B 112 2.42 -15.58 16.17
N PRO B 113 1.57 -16.62 16.33
CA PRO B 113 1.25 -17.56 15.25
C PRO B 113 0.47 -16.91 14.09
N PRO B 114 0.74 -17.29 12.82
CA PRO B 114 0.00 -16.74 11.67
C PRO B 114 -1.49 -17.10 11.64
N GLU B 115 -2.34 -16.14 11.29
CA GLU B 115 -3.81 -16.38 11.17
C GLU B 115 -4.32 -16.91 12.52
N SER B 116 -3.75 -16.42 13.62
CA SER B 116 -4.12 -16.95 14.96
C SER B 116 -5.23 -16.14 15.63
N VAL B 117 -5.73 -15.07 15.02
CA VAL B 117 -6.68 -14.22 15.80
C VAL B 117 -8.03 -13.98 15.11
N ASP B 118 -9.11 -14.03 15.89
CA ASP B 118 -10.46 -13.67 15.37
C ASP B 118 -10.57 -12.14 15.21
N VAL B 119 -10.03 -11.39 16.17
CA VAL B 119 -10.11 -9.89 16.10
C VAL B 119 -8.75 -9.27 16.43
N VAL B 120 -8.42 -8.14 15.81
CA VAL B 120 -7.18 -7.39 16.15
C VAL B 120 -7.61 -5.95 16.40
N MET B 121 -7.24 -5.38 17.54
CA MET B 121 -7.72 -4.01 17.86
C MET B 121 -6.54 -3.04 17.82
N LEU B 122 -6.68 -1.94 17.09
CA LEU B 122 -5.61 -0.93 16.93
C LEU B 122 -6.25 0.38 17.41
N ILE B 123 -6.55 0.47 18.71
CA ILE B 123 -7.29 1.66 19.23
C ILE B 123 -6.32 2.79 19.56
N PHE B 124 -6.43 3.92 18.86
CA PHE B 124 -5.57 5.11 19.15
C PHE B 124 -4.09 4.76 19.09
N VAL B 125 -3.69 3.98 18.08
CA VAL B 125 -2.25 3.59 17.90
C VAL B 125 -1.76 4.08 16.53
N LEU B 126 -2.58 3.96 15.49
CA LEU B 126 -2.09 4.31 14.14
C LEU B 126 -1.74 5.80 14.14
N SER B 127 -2.34 6.55 15.04
CA SER B 127 -2.08 7.99 15.12
C SER B 127 -0.60 8.20 15.32
N ALA B 128 -0.07 7.60 16.38
CA ALA B 128 1.32 7.85 16.80
C ALA B 128 2.29 7.43 15.71
N VAL B 129 1.80 6.71 14.70
CA VAL B 129 2.72 6.19 13.65
C VAL B 129 2.85 7.26 12.56
N HIS B 130 4.03 7.39 11.97
CA HIS B 130 4.22 8.34 10.83
C HIS B 130 3.53 7.74 9.60
N PRO B 131 3.00 8.53 8.64
CA PRO B 131 2.21 7.96 7.54
C PRO B 131 2.95 6.97 6.62
N ASP B 132 4.21 7.24 6.23
CA ASP B 132 4.94 6.21 5.45
C ASP B 132 5.09 4.98 6.34
N LYS B 133 5.36 5.19 7.63
CA LYS B 133 5.50 4.10 8.63
C LYS B 133 4.17 3.35 8.75
N MET B 134 3.04 4.04 8.64
CA MET B 134 1.72 3.44 8.95
C MET B 134 1.47 2.23 8.05
N HIS B 135 1.89 2.25 6.79
CA HIS B 135 1.56 1.09 5.92
C HIS B 135 2.21 -0.16 6.51
N LEU B 136 3.42 -0.01 7.02
CA LEU B 136 4.18 -1.16 7.59
C LEU B 136 3.41 -1.73 8.78
N VAL B 137 2.82 -0.88 9.61
CA VAL B 137 2.12 -1.37 10.84
C VAL B 137 0.95 -2.27 10.43
N LEU B 138 0.17 -1.88 9.42
CA LEU B 138 -0.94 -2.75 8.94
C LEU B 138 -0.40 -4.06 8.36
N GLN B 139 0.72 -4.01 7.63
CA GLN B 139 1.28 -5.21 6.97
C GLN B 139 1.63 -6.27 8.01
N ASN B 140 2.30 -5.89 9.09
CA ASN B 140 2.56 -6.90 10.15
C ASN B 140 1.24 -7.43 10.74
N ILE B 141 0.23 -6.57 10.87
CA ILE B 141 -1.08 -6.95 11.47
C ILE B 141 -1.75 -8.01 10.61
N TYR B 142 -1.57 -7.93 9.29
CA TYR B 142 -2.23 -8.87 8.35
C TYR B 142 -1.84 -10.31 8.65
N LYS B 143 -0.57 -10.54 8.96
CA LYS B 143 -0.07 -11.92 9.19
C LYS B 143 -0.75 -12.58 10.40
N VAL B 144 -0.94 -11.85 11.48
CA VAL B 144 -1.62 -12.40 12.69
C VAL B 144 -3.05 -12.75 12.35
N LEU B 145 -3.72 -11.94 11.54
CA LEU B 145 -5.18 -12.10 11.33
C LEU B 145 -5.58 -13.39 10.64
N LYS B 146 -6.69 -13.99 11.08
CA LYS B 146 -7.25 -15.18 10.41
C LYS B 146 -7.94 -14.67 9.15
N PRO B 147 -8.00 -15.43 8.05
CA PRO B 147 -8.51 -14.85 6.80
C PRO B 147 -9.96 -14.35 6.84
N GLY B 148 -10.86 -15.08 7.46
CA GLY B 148 -12.24 -14.62 7.63
C GLY B 148 -12.29 -13.39 8.50
N LYS B 149 -11.44 -13.34 9.51
CA LYS B 149 -11.55 -12.35 10.62
C LYS B 149 -11.23 -10.88 10.30
N SER B 150 -11.67 -9.99 11.17
CA SER B 150 -11.60 -8.53 10.92
C SER B 150 -10.80 -7.77 11.98
N VAL B 151 -10.30 -6.59 11.61
CA VAL B 151 -9.52 -5.72 12.53
C VAL B 151 -10.45 -4.59 12.97
N LEU B 152 -10.54 -4.36 14.28
CA LEU B 152 -11.37 -3.25 14.80
C LEU B 152 -10.49 -2.03 15.10
N PHE B 153 -10.83 -0.86 14.56
CA PHE B 153 -10.02 0.37 14.67
C PHE B 153 -10.85 1.57 15.11
N ARG B 154 -10.25 2.46 15.91
CA ARG B 154 -10.83 3.76 16.35
C ARG B 154 -9.66 4.74 16.53
N ASP B 155 -9.80 5.98 16.08
CA ASP B 155 -8.69 6.96 16.17
C ASP B 155 -9.16 8.40 15.90
N TYR B 156 -8.22 9.32 16.08
CA TYR B 156 -8.41 10.76 15.78
C TYR B 156 -8.76 10.98 14.31
N GLY B 157 -9.68 11.93 14.09
CA GLY B 157 -10.29 12.08 12.77
C GLY B 157 -10.49 13.51 12.31
N LEU B 158 -10.60 13.66 10.99
CA LEU B 158 -10.89 14.98 10.38
C LEU B 158 -12.25 14.93 9.67
N THR B 183 5.77 13.51 21.31
CA THR B 183 4.48 12.80 21.12
C THR B 183 3.80 13.38 19.89
N ARG B 184 3.55 12.52 18.92
CA ARG B 184 3.07 12.95 17.60
C ARG B 184 1.73 12.29 17.32
N SER B 185 0.78 13.01 16.72
CA SER B 185 -0.44 12.33 16.21
C SER B 185 -0.88 12.89 14.85
N TYR B 186 -1.44 12.02 14.00
CA TYR B 186 -1.96 12.47 12.69
C TYR B 186 -3.46 12.17 12.63
N PHE B 187 -4.25 13.16 12.25
CA PHE B 187 -5.73 13.05 12.22
C PHE B 187 -6.22 12.48 10.90
N PHE B 188 -7.12 11.54 10.96
CA PHE B 188 -7.47 10.85 9.70
C PHE B 188 -8.75 11.40 9.10
N THR B 189 -8.96 11.09 7.83
CA THR B 189 -10.23 11.45 7.14
C THR B 189 -10.87 10.11 6.79
N ASP B 190 -12.10 10.08 6.30
CA ASP B 190 -12.66 8.74 6.08
C ASP B 190 -11.81 8.04 5.02
N ASP B 191 -11.46 8.76 3.96
CA ASP B 191 -10.69 8.17 2.83
C ASP B 191 -9.25 7.75 3.19
N PHE B 192 -8.52 8.56 3.94
CA PHE B 192 -7.07 8.25 4.13
C PHE B 192 -6.89 6.90 4.85
N LEU B 193 -7.65 6.67 5.92
CA LEU B 193 -7.59 5.34 6.58
C LEU B 193 -8.12 4.28 5.63
N ALA B 194 -9.33 4.55 5.15
CA ALA B 194 -10.09 3.66 4.27
C ALA B 194 -9.18 3.22 3.15
N GLN B 195 -8.70 4.14 2.33
CA GLN B 195 -7.77 3.77 1.23
C GLN B 195 -6.44 3.28 1.81
N LEU B 196 -6.01 3.82 2.94
CA LEU B 196 -4.75 3.32 3.51
C LEU B 196 -4.87 1.85 3.82
N PHE B 197 -5.96 1.41 4.45
CA PHE B 197 -6.02 -0.04 4.78
C PHE B 197 -6.05 -0.82 3.49
N MET B 198 -6.96 -0.42 2.63
CA MET B 198 -7.20 -0.96 1.27
C MET B 198 -5.87 -1.15 0.56
N ASP B 199 -4.83 -0.39 0.90
CA ASP B 199 -3.52 -0.55 0.21
C ASP B 199 -2.93 -1.90 0.61
N THR B 200 -3.15 -2.25 1.87
CA THR B 200 -2.77 -3.57 2.42
C THR B 200 -3.90 -4.57 2.07
N GLY B 201 -3.75 -5.87 2.31
CA GLY B 201 -4.81 -6.76 1.80
C GLY B 201 -6.07 -6.80 2.64
N TYR B 202 -6.85 -5.71 2.70
CA TYR B 202 -8.05 -5.61 3.57
C TYR B 202 -9.24 -4.99 2.84
N GLU B 203 -10.44 -5.11 3.42
CA GLU B 203 -11.72 -4.53 2.90
C GLU B 203 -12.43 -3.82 4.07
N GLU B 204 -13.23 -2.78 3.81
CA GLU B 204 -13.82 -2.01 4.95
C GLU B 204 -15.32 -2.20 5.14
N VAL B 205 -15.73 -2.86 6.24
CA VAL B 205 -17.18 -2.93 6.55
C VAL B 205 -17.72 -1.55 6.95
N VAL B 206 -16.98 -0.81 7.78
CA VAL B 206 -17.51 0.48 8.29
C VAL B 206 -16.41 1.54 8.39
N ASN B 207 -16.75 2.81 8.21
CA ASN B 207 -15.79 3.94 8.36
C ASN B 207 -16.67 5.14 8.70
N GLU B 208 -16.94 5.40 9.97
CA GLU B 208 -17.83 6.51 10.33
C GLU B 208 -17.18 7.40 11.38
N TYR B 209 -17.72 8.58 11.62
CA TYR B 209 -17.19 9.50 12.65
C TYR B 209 -18.10 9.51 13.88
N VAL B 210 -17.56 9.17 15.05
CA VAL B 210 -18.34 9.19 16.32
C VAL B 210 -18.78 10.62 16.64
N PHE B 211 -17.92 11.62 16.40
CA PHE B 211 -18.19 13.03 16.79
C PHE B 211 -18.01 13.19 18.30
N ARG B 212 -18.72 12.41 19.12
CA ARG B 212 -18.50 12.46 20.59
C ARG B 212 -19.07 11.19 21.23
N ARG B 225 -12.39 17.41 18.87
CA ARG B 225 -13.71 17.44 18.19
C ARG B 225 -14.19 16.04 17.76
N VAL B 226 -13.81 15.59 16.56
CA VAL B 226 -14.42 14.37 15.97
C VAL B 226 -13.45 13.21 15.89
N PHE B 227 -13.93 12.02 16.22
CA PHE B 227 -13.17 10.76 16.16
C PHE B 227 -13.65 9.92 14.96
N LEU B 228 -12.82 8.95 14.56
CA LEU B 228 -13.13 8.06 13.41
C LEU B 228 -13.22 6.58 13.81
N GLN B 229 -14.25 5.92 13.30
CA GLN B 229 -14.53 4.52 13.71
C GLN B 229 -14.62 3.56 12.54
N SER B 230 -13.91 2.44 12.66
CA SER B 230 -13.79 1.55 11.51
C SER B 230 -13.63 0.10 11.90
N LYS B 231 -14.00 -0.79 10.99
CA LYS B 231 -13.64 -2.23 11.06
C LYS B 231 -13.22 -2.66 9.66
N PHE B 232 -12.11 -3.39 9.57
CA PHE B 232 -11.55 -3.91 8.30
C PHE B 232 -11.27 -5.41 8.46
N LEU B 233 -11.21 -6.11 7.32
CA LEU B 233 -11.22 -7.60 7.27
C LEU B 233 -10.10 -8.17 6.39
N LYS B 234 -9.61 -9.37 6.75
CA LYS B 234 -8.64 -10.05 5.86
C LYS B 234 -9.41 -10.92 4.85
N SAH C . -0.29 4.17 -24.96
CA SAH C . -0.11 4.17 -23.49
CB SAH C . -0.25 2.75 -22.93
CG SAH C . -1.51 2.03 -23.38
SD SAH C . -3.06 2.48 -22.56
C SAH C . 1.29 4.70 -23.18
O SAH C . 1.79 4.39 -22.09
OXT SAH C . 1.82 5.36 -24.06
C5' SAH C . -2.92 1.74 -20.92
C4' SAH C . -2.56 0.26 -20.82
O4' SAH C . -2.78 -0.20 -19.48
C3' SAH C . -3.34 -0.71 -21.71
O3' SAH C . -2.46 -1.24 -22.70
C2' SAH C . -3.80 -1.79 -20.72
O2' SAH C . -3.81 -3.11 -21.25
C1' SAH C . -2.82 -1.60 -19.57
N9 SAH C . -3.28 -2.15 -18.31
C8 SAH C . -4.26 -1.65 -17.49
N7 SAH C . -4.44 -2.34 -16.40
C5 SAH C . -3.48 -3.34 -16.46
C6 SAH C . -3.16 -4.39 -15.59
N6 SAH C . -3.78 -4.62 -14.44
N1 SAH C . -2.15 -5.21 -15.96
C2 SAH C . -1.53 -4.98 -17.12
N3 SAH C . -1.75 -4.03 -18.01
C4 SAH C . -2.75 -3.23 -17.62
N SAH D . -5.78 2.35 25.31
CA SAH D . -5.31 2.34 23.90
CB SAH D . -3.90 2.95 23.80
CG SAH D . -3.89 4.43 24.07
SD SAH D . -2.28 5.24 24.09
C SAH D . -5.30 0.91 23.40
O SAH D . -4.70 0.68 22.33
OXT SAH D . -5.90 0.08 24.08
C5' SAH D . -1.60 4.92 22.43
C4' SAH D . -0.74 3.68 22.45
O4' SAH D . -0.09 3.52 21.17
C3' SAH D . 0.38 3.68 23.48
O3' SAH D . 0.26 2.51 24.29
C2' SAH D . 1.65 3.61 22.62
O2' SAH D . 2.73 2.99 23.28
C1' SAH D . 1.10 2.82 21.43
N9 SAH D . 1.93 2.86 20.24
C8 SAH D . 1.99 3.86 19.30
N7 SAH D . 2.83 3.61 18.32
C5 SAH D . 3.34 2.36 18.63
C6 SAH D . 4.27 1.54 17.96
N6 SAH D . 4.87 1.87 16.83
N1 SAH D . 4.57 0.35 18.54
C2 SAH D . 3.96 0.02 19.69
N3 SAH D . 3.07 0.71 20.39
C4 SAH D . 2.80 1.88 19.80
#